data_5TUR
#
_entry.id   5TUR
#
_cell.length_a   97.747
_cell.length_b   97.747
_cell.length_c   80.792
_cell.angle_alpha   90.00
_cell.angle_beta   90.00
_cell.angle_gamma   120.00
#
_symmetry.space_group_name_H-M   'P 65'
#
loop_
_entity.id
_entity.type
_entity.pdbx_description
1 polymer 'Serine/threonine-protein kinase pim-1'
2 non-polymer 1-methyl-2-[4-(piperazin-1-yl)phenyl]-1H-pyrrolo[2,3-b]pyridine-4-carbonitrile
3 water water
#
_entity_poly.entity_id   1
_entity_poly.type   'polypeptide(L)'
_entity_poly.pdbx_seq_one_letter_code
;MPHEPHEPLTPPFSALPDPAGAPSRRQSRQRPQLSSDSPSAFRASRSHSRNATRSHSHSHSPRHSLRHSPGSGSCGSSSG
HRPCADILEVGMLLSKINSLAHLRAAPCNDLHATKLAPGKEKEPLESQYQVGPLLGSGGFGSVYSGIRVSDNLPVAIKHV
EKDRISDWGELPNGTRVPMEVVLLKKVSSGFSGVIRLLDWFERPDSFVLILERPEPVQDLFDFITERGALQEELARSFFW
QVLEAVRHCHNCGVLHRDIKDENILIDLNRGELKLIDFGSGALLKDTVYTDFDGTRVYSPPEWIRYHRYHGRSAAVWSLG
ILLYDMVCGDIPFEHDEEIIRGQVFFRQRVSSECQHLIRWCLALRPSDRPTFEEIQNHPWMQDVLLPQETAEIHLHSLSP
GPSK
;
_entity_poly.pdbx_strand_id   A
#
# COMPACT_ATOMS: atom_id res chain seq x y z
N LEU A 125 -20.22 17.96 -7.91
CA LEU A 125 -19.90 19.30 -8.39
C LEU A 125 -18.54 19.34 -9.07
N GLU A 126 -18.53 19.32 -10.39
CA GLU A 126 -17.32 19.60 -11.16
C GLU A 126 -17.28 21.05 -11.68
N SER A 127 -17.90 21.95 -10.91
CA SER A 127 -17.54 23.37 -10.87
C SER A 127 -16.48 23.69 -9.82
N GLN A 128 -16.40 22.87 -8.77
CA GLN A 128 -15.38 23.02 -7.72
C GLN A 128 -14.03 22.40 -8.11
N TYR A 129 -14.02 21.45 -9.04
CA TYR A 129 -12.79 20.80 -9.46
C TYR A 129 -12.68 20.81 -10.98
N GLN A 130 -11.44 20.95 -11.45
CA GLN A 130 -11.13 20.95 -12.88
C GLN A 130 -10.50 19.61 -13.26
N VAL A 131 -11.09 18.94 -14.24
CA VAL A 131 -10.70 17.58 -14.61
C VAL A 131 -9.51 17.63 -15.57
N GLY A 132 -8.56 16.71 -15.36
CA GLY A 132 -7.42 16.59 -16.24
C GLY A 132 -7.31 15.21 -16.85
N PRO A 133 -6.08 14.77 -17.13
CA PRO A 133 -5.89 13.48 -17.81
C PRO A 133 -6.28 12.30 -16.94
N LEU A 134 -6.81 11.26 -17.61
CA LEU A 134 -7.08 9.99 -16.95
C LEU A 134 -5.76 9.36 -16.52
N LEU A 135 -5.51 9.30 -15.21
CA LEU A 135 -4.24 8.78 -14.73
C LEU A 135 -4.19 7.26 -14.84
N GLY A 136 -5.32 6.59 -14.62
CA GLY A 136 -5.34 5.14 -14.72
C GLY A 136 -6.71 4.61 -14.37
N SER A 137 -6.89 3.32 -14.63
CA SER A 137 -8.12 2.64 -14.30
C SER A 137 -7.81 1.18 -14.01
N GLY A 138 -8.81 0.47 -13.49
CA GLY A 138 -8.65 -0.94 -13.16
C GLY A 138 -9.66 -1.35 -12.10
N GLY A 139 -9.23 -2.29 -11.24
CA GLY A 139 -10.11 -2.79 -10.19
C GLY A 139 -10.48 -1.78 -9.15
N PHE A 140 -9.74 -0.67 -9.06
CA PHE A 140 -10.02 0.40 -8.11
C PHE A 140 -10.96 1.46 -8.66
N GLY A 141 -11.25 1.43 -9.97
CA GLY A 141 -12.09 2.42 -10.60
C GLY A 141 -11.32 3.16 -11.68
N SER A 142 -11.55 4.47 -11.77
CA SER A 142 -10.88 5.33 -12.74
C SER A 142 -10.46 6.61 -12.05
N VAL A 143 -9.15 6.88 -12.03
CA VAL A 143 -8.59 8.03 -11.34
C VAL A 143 -8.13 9.05 -12.36
N TYR A 144 -8.46 10.31 -12.14
CA TYR A 144 -8.11 11.40 -13.03
C TYR A 144 -7.21 12.39 -12.30
N SER A 145 -6.34 13.05 -13.08
CA SER A 145 -5.65 14.23 -12.58
C SER A 145 -6.66 15.37 -12.48
N GLY A 146 -6.52 16.19 -11.44
CA GLY A 146 -7.48 17.25 -11.21
C GLY A 146 -6.88 18.40 -10.43
N ILE A 147 -7.65 19.48 -10.36
CA ILE A 147 -7.26 20.70 -9.64
C ILE A 147 -8.48 21.23 -8.92
N ARG A 148 -8.32 21.54 -7.63
CA ARG A 148 -9.37 22.24 -6.89
C ARG A 148 -9.24 23.73 -7.20
N VAL A 149 -10.17 24.25 -8.00
CA VAL A 149 -10.02 25.60 -8.56
C VAL A 149 -10.11 26.69 -7.49
N SER A 150 -10.64 26.38 -6.31
CA SER A 150 -10.69 27.39 -5.25
C SER A 150 -9.29 27.87 -4.88
N ASP A 151 -8.32 26.96 -4.84
CA ASP A 151 -6.96 27.30 -4.46
C ASP A 151 -5.90 26.69 -5.37
N ASN A 152 -6.31 26.03 -6.46
CA ASN A 152 -5.39 25.45 -7.44
C ASN A 152 -4.55 24.32 -6.86
N LEU A 153 -5.05 23.63 -5.84
CA LEU A 153 -4.34 22.50 -5.25
C LEU A 153 -4.49 21.27 -6.14
N PRO A 154 -3.42 20.55 -6.43
CA PRO A 154 -3.54 19.31 -7.21
C PRO A 154 -4.30 18.24 -6.42
N VAL A 155 -5.22 17.57 -7.11
CA VAL A 155 -6.05 16.54 -6.49
C VAL A 155 -6.14 15.35 -7.45
N ALA A 156 -6.74 14.27 -6.94
CA ALA A 156 -7.06 13.09 -7.73
C ALA A 156 -8.56 12.83 -7.62
N ILE A 157 -9.19 12.51 -8.74
CA ILE A 157 -10.63 12.36 -8.82
C ILE A 157 -10.91 10.88 -9.12
N LYS A 158 -11.21 10.12 -8.08
CA LYS A 158 -11.48 8.70 -8.20
C LYS A 158 -12.97 8.45 -8.38
N HIS A 159 -13.30 7.57 -9.32
CA HIS A 159 -14.69 7.21 -9.61
C HIS A 159 -14.91 5.73 -9.34
N VAL A 160 -16.01 5.40 -8.68
CA VAL A 160 -16.35 4.04 -8.31
C VAL A 160 -17.81 3.79 -8.66
N GLU A 161 -18.05 2.85 -9.58
CA GLU A 161 -19.42 2.46 -9.90
C GLU A 161 -20.02 1.66 -8.75
N LYS A 162 -21.26 1.99 -8.38
CA LYS A 162 -21.89 1.37 -7.21
C LYS A 162 -22.10 -0.13 -7.40
N ASP A 163 -22.34 -0.59 -8.63
CA ASP A 163 -22.59 -2.01 -8.86
C ASP A 163 -21.32 -2.84 -8.75
N ARG A 164 -20.15 -2.21 -8.82
CA ARG A 164 -18.87 -2.89 -8.69
C ARG A 164 -18.28 -2.79 -7.29
N ILE A 165 -19.07 -2.36 -6.31
CA ILE A 165 -18.59 -2.18 -4.95
C ILE A 165 -18.78 -3.47 -4.18
N SER A 166 -17.70 -3.98 -3.58
CA SER A 166 -17.76 -5.24 -2.85
C SER A 166 -18.32 -5.05 -1.44
N ASP A 167 -17.68 -4.20 -0.65
CA ASP A 167 -17.94 -4.08 0.78
C ASP A 167 -18.48 -2.69 1.08
N TRP A 168 -19.63 -2.63 1.75
CA TRP A 168 -20.25 -1.38 2.15
C TRP A 168 -20.16 -1.23 3.67
N GLY A 169 -19.49 -0.18 4.12
CA GLY A 169 -19.64 0.31 5.47
C GLY A 169 -20.72 1.36 5.52
N GLU A 170 -20.71 2.15 6.59
CA GLU A 170 -21.60 3.31 6.64
C GLU A 170 -21.07 4.29 7.67
N LEU A 171 -21.14 5.58 7.33
CA LEU A 171 -20.67 6.64 8.21
C LEU A 171 -21.47 6.63 9.51
N PRO A 172 -20.93 7.23 10.58
CA PRO A 172 -21.67 7.27 11.85
C PRO A 172 -22.98 8.02 11.78
N ASN A 173 -23.17 8.90 10.80
CA ASN A 173 -24.39 9.68 10.69
C ASN A 173 -25.62 8.79 10.51
N THR A 175 -25.09 6.91 7.06
CA THR A 175 -25.51 6.70 5.68
C THR A 175 -24.58 5.70 4.99
N ARG A 176 -25.12 4.95 4.04
CA ARG A 176 -24.39 3.85 3.42
C ARG A 176 -23.38 4.39 2.41
N VAL A 177 -22.10 4.16 2.68
CA VAL A 177 -21.01 4.59 1.81
C VAL A 177 -20.19 3.35 1.46
N PRO A 178 -19.31 3.41 0.46
CA PRO A 178 -18.34 2.33 0.29
C PRO A 178 -17.41 2.27 1.48
N MET A 179 -16.99 1.04 1.83
CA MET A 179 -16.11 0.86 2.98
C MET A 179 -14.82 1.67 2.83
N GLU A 180 -14.42 1.95 1.59
CA GLU A 180 -13.22 2.76 1.37
C GLU A 180 -13.37 4.15 1.96
N VAL A 181 -14.59 4.70 1.98
CA VAL A 181 -14.79 6.02 2.56
C VAL A 181 -14.69 5.97 4.08
N VAL A 182 -15.23 4.91 4.69
CA VAL A 182 -15.08 4.73 6.13
C VAL A 182 -13.61 4.65 6.52
N LEU A 183 -12.86 3.76 5.86
CA LEU A 183 -11.46 3.57 6.19
C LEU A 183 -10.64 4.82 5.94
N LEU A 184 -10.89 5.51 4.82
CA LEU A 184 -10.12 6.70 4.49
C LEU A 184 -10.30 7.78 5.53
N LYS A 185 -11.52 7.98 6.02
CA LYS A 185 -11.75 9.00 7.05
C LYS A 185 -11.11 8.61 8.38
N LYS A 186 -10.99 7.30 8.65
CA LYS A 186 -10.38 6.87 9.91
C LYS A 186 -8.87 7.10 9.91
N VAL A 187 -8.21 6.99 8.76
CA VAL A 187 -6.76 7.18 8.67
C VAL A 187 -6.38 8.55 8.14
N SER A 188 -7.35 9.42 7.84
CA SER A 188 -7.03 10.72 7.25
C SER A 188 -6.56 11.73 8.29
N PHE A 191 -0.90 13.57 8.51
CA PHE A 191 0.07 12.51 8.20
C PHE A 191 0.22 12.37 6.69
N SER A 192 1.46 12.19 6.23
CA SER A 192 1.74 12.05 4.81
C SER A 192 2.19 10.65 4.44
N GLY A 193 2.14 9.70 5.36
CA GLY A 193 2.38 8.32 4.99
C GLY A 193 1.20 7.67 4.32
N VAL A 194 0.00 8.16 4.58
CA VAL A 194 -1.23 7.67 3.98
C VAL A 194 -1.88 8.80 3.20
N ILE A 195 -2.41 8.48 2.02
CA ILE A 195 -3.04 9.51 1.21
C ILE A 195 -4.31 9.99 1.90
N ARG A 196 -4.56 11.30 1.84
CA ARG A 196 -5.67 11.90 2.55
C ARG A 196 -6.89 12.02 1.66
N LEU A 197 -8.05 11.67 2.20
CA LEU A 197 -9.33 11.85 1.52
C LEU A 197 -9.82 13.27 1.78
N LEU A 198 -9.96 14.06 0.73
CA LEU A 198 -10.32 15.47 0.87
C LEU A 198 -11.83 15.67 0.90
N ASP A 199 -12.54 15.16 -0.11
CA ASP A 199 -13.99 15.24 -0.14
C ASP A 199 -14.53 14.02 -0.86
N TRP A 200 -15.86 13.91 -0.90
CA TRP A 200 -16.49 12.84 -1.65
C TRP A 200 -17.92 13.25 -1.98
N PHE A 201 -18.42 12.73 -3.10
CA PHE A 201 -19.76 13.00 -3.59
C PHE A 201 -20.44 11.69 -3.91
N GLU A 202 -21.78 11.70 -3.86
CA GLU A 202 -22.58 10.57 -4.29
C GLU A 202 -23.34 10.94 -5.55
N ARG A 203 -23.24 10.10 -6.57
CA ARG A 203 -23.96 10.29 -7.82
C ARG A 203 -25.04 9.23 -7.92
N PRO A 204 -25.90 9.26 -8.95
CA PRO A 204 -26.90 8.18 -9.07
C PRO A 204 -26.31 6.78 -9.04
N ASP A 205 -25.24 6.53 -9.80
CA ASP A 205 -24.70 5.19 -9.92
C ASP A 205 -23.21 5.11 -9.63
N SER A 206 -22.60 6.17 -9.12
CA SER A 206 -21.18 6.15 -8.81
C SER A 206 -20.92 6.99 -7.55
N PHE A 207 -19.75 6.75 -6.96
CA PHE A 207 -19.19 7.61 -5.93
C PHE A 207 -17.94 8.27 -6.48
N VAL A 208 -17.71 9.52 -6.08
CA VAL A 208 -16.54 10.28 -6.49
C VAL A 208 -15.74 10.60 -5.24
N LEU A 209 -14.44 10.29 -5.28
CA LEU A 209 -13.53 10.59 -4.18
C LEU A 209 -12.55 11.68 -4.61
N ILE A 210 -12.28 12.62 -3.72
CA ILE A 210 -11.28 13.64 -3.94
C ILE A 210 -10.12 13.34 -3.00
N LEU A 211 -8.97 12.99 -3.58
CA LEU A 211 -7.78 12.63 -2.83
C LEU A 211 -6.67 13.60 -3.19
N GLU A 212 -5.73 13.78 -2.28
CA GLU A 212 -4.58 14.62 -2.57
C GLU A 212 -3.73 13.96 -3.65
N ARG A 213 -3.05 14.81 -4.43
CA ARG A 213 -2.14 14.33 -5.48
C ARG A 213 -0.82 15.06 -5.31
N PRO A 214 0.26 14.37 -4.96
CA PRO A 214 1.58 15.01 -4.97
C PRO A 214 1.93 15.42 -6.39
N GLU A 215 3.05 16.12 -6.52
CA GLU A 215 3.47 16.57 -7.84
C GLU A 215 4.93 16.97 -7.81
N PRO A 216 5.82 16.28 -8.55
CA PRO A 216 5.55 15.10 -9.37
C PRO A 216 5.43 13.79 -8.58
N VAL A 217 4.83 12.77 -9.19
CA VAL A 217 4.65 11.47 -8.55
C VAL A 217 5.09 10.37 -9.52
N GLN A 218 5.50 9.24 -8.94
CA GLN A 218 5.59 7.98 -9.65
C GLN A 218 5.26 6.89 -8.66
N ASP A 219 4.32 6.02 -9.00
CA ASP A 219 4.01 4.90 -8.12
C ASP A 219 5.18 3.91 -8.11
N LEU A 220 5.32 3.20 -6.99
CA LEU A 220 6.50 2.37 -6.78
C LEU A 220 6.63 1.28 -7.83
N PHE A 221 5.53 0.84 -8.42
CA PHE A 221 5.61 -0.22 -9.43
C PHE A 221 6.35 0.28 -10.67
N ASP A 222 5.97 1.45 -11.18
CA ASP A 222 6.68 2.02 -12.32
C ASP A 222 8.12 2.34 -11.96
N PHE A 223 8.34 2.86 -10.75
CA PHE A 223 9.70 3.16 -10.29
C PHE A 223 10.58 1.93 -10.30
N ILE A 224 10.02 0.78 -9.92
CA ILE A 224 10.79 -0.45 -9.92
C ILE A 224 10.91 -1.02 -11.34
N THR A 225 9.89 -0.81 -12.18
CA THR A 225 9.98 -1.26 -13.57
C THR A 225 11.10 -0.55 -14.31
N GLU A 226 11.27 0.75 -14.05
CA GLU A 226 12.28 1.53 -14.78
C GLU A 226 13.68 1.28 -14.25
N ARG A 227 13.84 1.10 -12.94
CA ARG A 227 15.16 1.03 -12.33
C ARG A 227 15.53 -0.36 -11.83
N GLY A 228 14.61 -1.33 -11.88
CA GLY A 228 14.96 -2.68 -11.46
C GLY A 228 15.17 -2.77 -9.96
N ALA A 229 16.01 -3.75 -9.57
CA ALA A 229 16.34 -3.93 -8.17
C ALA A 229 16.94 -2.64 -7.59
N LEU A 230 16.53 -2.31 -6.38
CA LEU A 230 16.92 -1.06 -5.74
C LEU A 230 18.09 -1.28 -4.79
N GLN A 231 18.91 -0.24 -4.65
CA GLN A 231 19.96 -0.25 -3.64
C GLN A 231 19.34 -0.44 -2.27
N GLU A 232 20.02 -1.20 -1.41
CA GLU A 232 19.45 -1.51 -0.10
C GLU A 232 19.28 -0.27 0.75
N GLU A 233 20.10 0.75 0.55
CA GLU A 233 19.90 2.02 1.25
C GLU A 233 18.58 2.67 0.83
N LEU A 234 18.27 2.61 -0.46
CA LEU A 234 17.00 3.15 -0.94
C LEU A 234 15.83 2.29 -0.49
N ALA A 235 15.96 0.97 -0.59
CA ALA A 235 14.91 0.07 -0.15
C ALA A 235 14.66 0.20 1.34
N ARG A 236 15.73 0.40 2.12
CA ARG A 236 15.58 0.61 3.57
C ARG A 236 14.71 1.83 3.85
N SER A 237 14.96 2.93 3.13
CA SER A 237 14.14 4.12 3.30
C SER A 237 12.71 3.88 2.86
N PHE A 238 12.54 3.28 1.67
CA PHE A 238 11.19 2.99 1.19
C PHE A 238 10.47 2.01 2.11
N PHE A 239 11.17 0.96 2.54
CA PHE A 239 10.53 -0.04 3.39
C PHE A 239 10.23 0.51 4.77
N TRP A 240 11.10 1.38 5.29
CA TRP A 240 10.86 1.97 6.61
C TRP A 240 9.59 2.81 6.61
N GLN A 241 9.40 3.64 5.57
CA GLN A 241 8.23 4.51 5.53
C GLN A 241 6.94 3.71 5.42
N VAL A 242 6.93 2.66 4.59
CA VAL A 242 5.75 1.81 4.49
C VAL A 242 5.42 1.19 5.85
N LEU A 243 6.44 0.71 6.56
CA LEU A 243 6.25 0.22 7.92
C LEU A 243 5.60 1.29 8.80
N GLU A 244 6.18 2.49 8.81
CA GLU A 244 5.60 3.59 9.58
C GLU A 244 4.22 3.96 9.05
N ALA A 245 3.95 3.73 7.77
CA ALA A 245 2.67 4.09 7.19
C ALA A 245 1.57 3.11 7.61
N VAL A 246 1.85 1.81 7.54
CA VAL A 246 0.82 0.85 7.92
C VAL A 246 0.70 0.76 9.44
N ARG A 247 1.77 1.09 10.18
CA ARG A 247 1.64 1.26 11.63
C ARG A 247 0.59 2.32 11.94
N HIS A 248 0.51 3.35 11.10
CA HIS A 248 -0.53 4.35 11.28
C HIS A 248 -1.91 3.78 11.00
N CYS A 249 -2.03 2.95 9.95
CA CYS A 249 -3.33 2.39 9.60
C CYS A 249 -3.87 1.51 10.71
N HIS A 250 -3.02 0.66 11.29
CA HIS A 250 -3.49 -0.22 12.36
C HIS A 250 -3.88 0.56 13.61
N ASN A 251 -3.11 1.61 13.94
CA ASN A 251 -3.46 2.45 15.07
C ASN A 251 -4.79 3.17 14.87
N CYS A 252 -5.21 3.37 13.62
CA CYS A 252 -6.50 3.95 13.32
C CYS A 252 -7.60 2.90 13.19
N GLY A 253 -7.29 1.63 13.41
CA GLY A 253 -8.27 0.57 13.28
C GLY A 253 -8.49 0.08 11.87
N VAL A 254 -7.59 0.39 10.94
CA VAL A 254 -7.76 0.06 9.53
C VAL A 254 -6.72 -0.98 9.14
N LEU A 255 -7.16 -2.03 8.46
CA LEU A 255 -6.29 -3.02 7.84
C LEU A 255 -6.34 -2.82 6.33
N HIS A 256 -5.17 -2.65 5.71
CA HIS A 256 -5.14 -2.25 4.31
C HIS A 256 -5.47 -3.41 3.36
N ARG A 257 -4.90 -4.60 3.62
CA ARG A 257 -5.20 -5.84 2.93
C ARG A 257 -4.74 -5.90 1.47
N ASP A 258 -4.03 -4.89 0.99
CA ASP A 258 -3.53 -4.94 -0.39
C ASP A 258 -2.22 -4.15 -0.49
N ILE A 259 -1.28 -4.43 0.41
CA ILE A 259 0.02 -3.77 0.37
C ILE A 259 0.83 -4.32 -0.79
N LYS A 260 1.25 -3.43 -1.68
CA LYS A 260 2.10 -3.79 -2.82
C LYS A 260 2.65 -2.50 -3.41
N ASP A 261 3.55 -2.65 -4.39
CA ASP A 261 4.20 -1.48 -4.97
C ASP A 261 3.26 -0.68 -5.85
N GLU A 262 2.26 -1.33 -6.44
CA GLU A 262 1.25 -0.60 -7.22
C GLU A 262 0.50 0.40 -6.34
N ASN A 263 0.28 0.06 -5.07
CA ASN A 263 -0.49 0.90 -4.15
C ASN A 263 0.39 1.78 -3.29
N ILE A 264 1.57 2.17 -3.79
CA ILE A 264 2.47 3.06 -3.06
C ILE A 264 2.95 4.13 -4.04
N LEU A 265 2.73 5.39 -3.68
CA LEU A 265 3.17 6.53 -4.47
C LEU A 265 4.46 7.09 -3.88
N ILE A 266 5.34 7.57 -4.76
CA ILE A 266 6.57 8.23 -4.35
C ILE A 266 6.42 9.71 -4.66
N ASP A 267 6.49 10.54 -3.62
CA ASP A 267 6.58 11.99 -3.78
C ASP A 267 8.05 12.30 -4.09
N LEU A 268 8.36 12.49 -5.37
CA LEU A 268 9.75 12.55 -5.80
C LEU A 268 10.49 13.79 -5.30
N ASN A 269 9.77 14.85 -4.93
CA ASN A 269 10.44 16.03 -4.41
C ASN A 269 10.81 15.87 -2.94
N ARG A 270 9.89 15.35 -2.13
CA ARG A 270 10.10 15.19 -0.70
C ARG A 270 10.65 13.82 -0.33
N GLY A 271 10.62 12.86 -1.25
CA GLY A 271 11.07 11.52 -0.94
C GLY A 271 10.16 10.76 0.00
N GLU A 272 8.85 11.01 -0.07
CA GLU A 272 7.88 10.45 0.87
C GLU A 272 6.92 9.52 0.15
N LEU A 273 6.76 8.33 0.69
CA LEU A 273 5.83 7.35 0.14
C LEU A 273 4.46 7.51 0.77
N LYS A 274 3.42 7.44 -0.06
CA LYS A 274 2.04 7.54 0.40
C LYS A 274 1.27 6.29 0.01
N LEU A 275 0.60 5.69 0.99
CA LEU A 275 -0.24 4.52 0.76
C LEU A 275 -1.55 4.93 0.11
N ILE A 276 -2.04 4.12 -0.83
CA ILE A 276 -3.27 4.41 -1.55
C ILE A 276 -4.13 3.16 -1.67
N ASP A 277 -5.33 3.35 -2.21
CA ASP A 277 -6.30 2.31 -2.52
C ASP A 277 -6.72 1.51 -1.29
N PHE A 278 -7.71 2.02 -0.55
CA PHE A 278 -8.32 1.33 0.57
C PHE A 278 -9.62 0.62 0.17
N GLY A 279 -9.77 0.29 -1.11
CA GLY A 279 -10.93 -0.43 -1.59
C GLY A 279 -10.93 -1.91 -1.30
N SER A 280 -9.85 -2.42 -0.70
CA SER A 280 -9.74 -3.83 -0.37
C SER A 280 -9.58 -4.07 1.13
N GLY A 281 -9.58 -3.02 1.94
CA GLY A 281 -9.28 -3.14 3.35
C GLY A 281 -10.50 -3.36 4.22
N ALA A 282 -10.24 -3.48 5.52
CA ALA A 282 -11.29 -3.74 6.50
C ALA A 282 -10.93 -3.04 7.80
N LEU A 283 -11.90 -3.01 8.71
CA LEU A 283 -11.62 -2.59 10.07
C LEU A 283 -10.74 -3.64 10.75
N LEU A 284 -9.67 -3.19 11.39
CA LEU A 284 -8.75 -4.11 12.04
C LEU A 284 -9.45 -4.84 13.18
N LYS A 285 -9.30 -6.16 13.22
CA LYS A 285 -9.92 -6.97 14.26
C LYS A 285 -8.95 -8.06 14.68
N ASP A 286 -8.98 -8.40 15.97
CA ASP A 286 -8.06 -9.39 16.50
C ASP A 286 -8.51 -10.82 16.26
N THR A 287 -9.73 -11.02 15.77
CA THR A 287 -10.21 -12.35 15.42
C THR A 287 -9.74 -12.73 14.02
N VAL A 288 -10.35 -13.75 13.42
CA VAL A 288 -9.86 -14.32 12.17
C VAL A 288 -10.70 -13.82 11.00
N TYR A 289 -10.05 -13.59 9.87
CA TYR A 289 -10.69 -13.19 8.63
C TYR A 289 -10.96 -14.40 7.75
N THR A 290 -12.07 -14.35 7.01
CA THR A 290 -12.40 -15.40 6.05
C THR A 290 -12.71 -14.86 4.66
N ASP A 291 -12.59 -13.56 4.43
CA ASP A 291 -12.75 -12.96 3.12
C ASP A 291 -11.45 -12.31 2.70
N PHE A 292 -11.24 -12.21 1.39
CA PHE A 292 -10.04 -11.56 0.87
C PHE A 292 -10.30 -11.14 -0.56
N ASP A 293 -10.10 -9.86 -0.86
CA ASP A 293 -10.26 -9.31 -2.19
C ASP A 293 -9.03 -8.48 -2.56
N GLY A 294 -7.85 -8.99 -2.22
CA GLY A 294 -6.62 -8.32 -2.56
C GLY A 294 -5.82 -9.06 -3.61
N THR A 295 -4.50 -8.87 -3.62
CA THR A 295 -3.64 -9.45 -4.64
C THR A 295 -3.13 -10.82 -4.18
N ARG A 296 -3.36 -11.85 -5.01
CA ARG A 296 -3.13 -13.22 -4.58
C ARG A 296 -1.65 -13.53 -4.39
N VAL A 297 -0.77 -12.94 -5.20
CA VAL A 297 0.66 -13.21 -5.04
C VAL A 297 1.20 -12.59 -3.76
N TYR A 298 0.48 -11.64 -3.16
CA TYR A 298 0.87 -11.04 -1.89
C TYR A 298 0.16 -11.68 -0.69
N SER A 299 -0.80 -12.57 -0.93
CA SER A 299 -1.55 -13.17 0.18
C SER A 299 -0.74 -14.25 0.87
N PRO A 300 -0.96 -14.46 2.16
CA PRO A 300 -0.14 -15.42 2.92
C PRO A 300 -0.55 -16.85 2.59
N PRO A 301 0.29 -17.83 2.96
CA PRO A 301 -0.06 -19.23 2.66
C PRO A 301 -1.26 -19.74 3.43
N GLU A 302 -1.54 -19.20 4.62
CA GLU A 302 -2.72 -19.66 5.37
C GLU A 302 -4.00 -19.31 4.63
N TRP A 303 -4.00 -18.23 3.84
CA TRP A 303 -5.19 -17.90 3.06
C TRP A 303 -5.34 -18.84 1.87
N ILE A 304 -4.23 -19.27 1.28
CA ILE A 304 -4.30 -20.12 0.09
C ILE A 304 -4.84 -21.50 0.45
N ARG A 305 -4.44 -22.04 1.60
CA ARG A 305 -4.86 -23.38 1.99
C ARG A 305 -6.19 -23.40 2.72
N TYR A 306 -6.42 -22.46 3.63
CA TYR A 306 -7.54 -22.55 4.56
C TYR A 306 -8.55 -21.43 4.42
N HIS A 307 -8.28 -20.42 3.59
CA HIS A 307 -9.15 -19.25 3.47
C HIS A 307 -9.42 -18.63 4.85
N ARG A 308 -8.36 -18.56 5.65
CA ARG A 308 -8.41 -17.98 6.99
C ARG A 308 -7.08 -17.27 7.25
N TYR A 309 -7.15 -16.10 7.87
CA TYR A 309 -5.93 -15.38 8.23
C TYR A 309 -6.28 -14.33 9.28
N HIS A 310 -5.23 -13.86 9.96
CA HIS A 310 -5.33 -12.73 10.87
C HIS A 310 -4.62 -11.55 10.25
N GLY A 311 -5.15 -10.34 10.49
CA GLY A 311 -4.74 -9.19 9.71
C GLY A 311 -3.27 -8.85 9.83
N ARG A 312 -2.78 -8.76 11.07
CA ARG A 312 -1.41 -8.32 11.29
C ARG A 312 -0.40 -9.29 10.68
N SER A 313 -0.57 -10.59 10.94
CA SER A 313 0.37 -11.57 10.44
C SER A 313 0.30 -11.71 8.92
N ALA A 314 -0.89 -11.53 8.34
CA ALA A 314 -1.00 -11.51 6.88
C ALA A 314 -0.39 -10.25 6.30
N ALA A 315 -0.40 -9.14 7.05
CA ALA A 315 0.21 -7.91 6.57
C ALA A 315 1.74 -8.02 6.57
N VAL A 316 2.30 -8.70 7.57
CA VAL A 316 3.74 -8.90 7.61
C VAL A 316 4.19 -9.77 6.43
N TRP A 317 3.37 -10.75 6.06
CA TRP A 317 3.69 -11.57 4.89
C TRP A 317 3.78 -10.71 3.62
N SER A 318 2.73 -9.93 3.35
CA SER A 318 2.75 -9.08 2.17
C SER A 318 3.87 -8.06 2.24
N LEU A 319 4.21 -7.59 3.45
CA LEU A 319 5.39 -6.73 3.60
C LEU A 319 6.67 -7.49 3.28
N GLY A 320 6.71 -8.79 3.55
CA GLY A 320 7.85 -9.59 3.15
C GLY A 320 7.95 -9.71 1.64
N ILE A 321 6.81 -9.90 0.97
CA ILE A 321 6.80 -9.90 -0.49
C ILE A 321 7.24 -8.54 -1.03
N LEU A 322 6.76 -7.46 -0.39
CA LEU A 322 7.11 -6.12 -0.84
C LEU A 322 8.61 -5.86 -0.71
N LEU A 323 9.21 -6.30 0.40
CA LEU A 323 10.64 -6.07 0.59
C LEU A 323 11.47 -6.87 -0.40
N TYR A 324 11.07 -8.12 -0.66
CA TYR A 324 11.76 -8.90 -1.70
C TYR A 324 11.61 -8.24 -3.06
N ASP A 325 10.41 -7.74 -3.36
CA ASP A 325 10.17 -7.11 -4.65
C ASP A 325 11.07 -5.90 -4.85
N MET A 326 11.34 -5.14 -3.78
CA MET A 326 12.15 -3.94 -3.91
C MET A 326 13.62 -4.28 -4.14
N VAL A 327 14.15 -5.27 -3.42
CA VAL A 327 15.57 -5.57 -3.51
C VAL A 327 15.93 -6.51 -4.65
N CYS A 328 14.97 -7.25 -5.19
CA CYS A 328 15.23 -8.16 -6.30
C CYS A 328 14.62 -7.71 -7.61
N GLY A 329 13.78 -6.68 -7.61
CA GLY A 329 13.19 -6.14 -8.81
C GLY A 329 11.93 -6.83 -9.27
N ASP A 330 11.45 -7.85 -8.53
CA ASP A 330 10.28 -8.62 -8.91
C ASP A 330 9.90 -9.51 -7.73
N ILE A 331 8.63 -9.89 -7.67
CA ILE A 331 8.08 -10.62 -6.53
C ILE A 331 8.58 -12.06 -6.56
N PRO A 332 8.67 -12.75 -5.40
CA PRO A 332 9.34 -14.06 -5.38
C PRO A 332 8.45 -15.21 -5.80
N PHE A 333 7.14 -15.06 -5.62
CA PHE A 333 6.18 -16.13 -5.90
C PHE A 333 5.22 -15.69 -6.98
N GLU A 334 4.78 -16.65 -7.79
CA GLU A 334 3.75 -16.43 -8.80
C GLU A 334 2.66 -17.48 -8.79
N HIS A 335 2.88 -18.64 -8.20
CA HIS A 335 1.90 -19.72 -8.17
C HIS A 335 1.64 -20.13 -6.73
N ASP A 336 0.41 -20.63 -6.48
CA ASP A 336 0.03 -21.03 -5.14
C ASP A 336 0.97 -22.06 -4.56
N GLU A 337 1.57 -22.90 -5.42
CA GLU A 337 2.48 -23.93 -4.95
C GLU A 337 3.70 -23.31 -4.24
N GLU A 338 4.25 -22.25 -4.81
CA GLU A 338 5.40 -21.59 -4.19
C GLU A 338 5.01 -20.89 -2.89
N ILE A 339 3.80 -20.31 -2.86
CA ILE A 339 3.31 -19.67 -1.64
C ILE A 339 3.19 -20.70 -0.53
N ILE A 340 2.70 -21.89 -0.85
CA ILE A 340 2.52 -22.92 0.16
C ILE A 340 3.87 -23.45 0.62
N ARG A 341 4.83 -23.59 -0.31
CA ARG A 341 6.13 -24.13 0.05
C ARG A 341 6.99 -23.12 0.81
N GLY A 342 6.83 -21.84 0.52
CA GLY A 342 7.52 -20.81 1.28
C GLY A 342 9.03 -20.86 1.18
N GLN A 343 9.54 -21.25 0.02
CA GLN A 343 10.98 -21.34 -0.20
C GLN A 343 11.42 -20.15 -1.04
N VAL A 344 12.31 -19.33 -0.47
CA VAL A 344 12.71 -18.07 -1.09
C VAL A 344 14.05 -18.29 -1.79
N PHE A 345 14.07 -18.03 -3.09
CA PHE A 345 15.29 -17.96 -3.88
C PHE A 345 15.55 -16.50 -4.23
N PHE A 346 16.80 -16.07 -4.08
CA PHE A 346 17.19 -14.69 -4.34
C PHE A 346 17.88 -14.63 -5.70
N ARG A 347 17.29 -13.88 -6.63
CA ARG A 347 17.80 -13.75 -7.98
C ARG A 347 18.69 -12.52 -8.16
N GLN A 348 18.94 -11.77 -7.11
CA GLN A 348 19.89 -10.66 -7.12
C GLN A 348 20.78 -10.76 -5.89
N ARG A 349 21.90 -10.05 -5.94
CA ARG A 349 22.78 -9.98 -4.77
C ARG A 349 22.09 -9.18 -3.68
N VAL A 350 21.82 -9.82 -2.55
CA VAL A 350 21.13 -9.20 -1.42
C VAL A 350 21.94 -9.48 -0.17
N SER A 351 22.10 -8.45 0.67
CA SER A 351 22.87 -8.61 1.90
C SER A 351 22.27 -9.68 2.79
N SER A 352 23.13 -10.32 3.58
CA SER A 352 22.68 -11.41 4.45
C SER A 352 21.64 -10.93 5.46
N GLU A 353 21.73 -9.68 5.89
CA GLU A 353 20.75 -9.13 6.82
C GLU A 353 19.39 -8.99 6.15
N CYS A 354 19.36 -8.42 4.93
CA CYS A 354 18.09 -8.21 4.24
C CYS A 354 17.43 -9.55 3.90
N GLN A 355 18.23 -10.56 3.56
CA GLN A 355 17.67 -11.89 3.32
C GLN A 355 17.02 -12.44 4.58
N HIS A 356 17.66 -12.23 5.74
CA HIS A 356 17.13 -12.77 6.98
C HIS A 356 15.78 -12.14 7.32
N LEU A 357 15.69 -10.81 7.25
CA LEU A 357 14.44 -10.13 7.55
C LEU A 357 13.34 -10.52 6.57
N ILE A 358 13.70 -10.72 5.30
CA ILE A 358 12.71 -11.13 4.31
C ILE A 358 12.18 -12.52 4.62
N ARG A 359 13.08 -13.47 4.87
CA ARG A 359 12.65 -14.83 5.18
C ARG A 359 11.88 -14.88 6.50
N TRP A 360 12.22 -13.99 7.43
CA TRP A 360 11.49 -13.93 8.70
C TRP A 360 10.04 -13.49 8.48
N CYS A 361 9.85 -12.41 7.72
CA CYS A 361 8.49 -11.96 7.41
C CYS A 361 7.73 -13.01 6.62
N LEU A 362 8.43 -13.88 5.90
CA LEU A 362 7.81 -14.90 5.07
C LEU A 362 7.80 -16.27 5.73
N ALA A 363 7.93 -16.33 7.05
CA ALA A 363 7.78 -17.58 7.76
C ALA A 363 6.39 -18.16 7.51
N LEU A 364 6.33 -19.48 7.35
CA LEU A 364 5.07 -20.11 6.95
C LEU A 364 4.01 -19.99 8.04
N ARG A 365 4.38 -20.29 9.28
CA ARG A 365 3.42 -20.15 10.36
C ARG A 365 3.31 -18.70 10.79
N PRO A 366 2.10 -18.14 10.86
CA PRO A 366 1.98 -16.69 11.16
C PRO A 366 2.60 -16.27 12.48
N SER A 367 2.51 -17.10 13.51
CA SER A 367 3.05 -16.73 14.81
C SER A 367 4.57 -16.67 14.81
N ASP A 368 5.23 -17.32 13.85
CA ASP A 368 6.68 -17.24 13.72
C ASP A 368 7.13 -15.97 13.01
N ARG A 369 6.20 -15.16 12.49
CA ARG A 369 6.55 -13.94 11.79
C ARG A 369 6.87 -12.83 12.77
N PRO A 370 7.63 -11.83 12.34
CA PRO A 370 7.97 -10.72 13.23
C PRO A 370 6.80 -9.76 13.40
N THR A 371 6.91 -8.93 14.43
CA THR A 371 6.00 -7.81 14.65
C THR A 371 6.60 -6.55 14.05
N PHE A 372 5.74 -5.54 13.87
CA PHE A 372 6.21 -4.24 13.39
C PHE A 372 7.41 -3.75 14.20
N GLU A 373 7.38 -4.00 15.51
CA GLU A 373 8.50 -3.61 16.37
C GLU A 373 9.72 -4.48 16.12
N GLU A 374 9.52 -5.80 15.97
CA GLU A 374 10.64 -6.68 15.67
C GLU A 374 11.23 -6.39 14.29
N ILE A 375 10.42 -5.87 13.37
CA ILE A 375 10.91 -5.55 12.04
C ILE A 375 11.77 -4.29 12.09
N GLN A 376 11.30 -3.26 12.79
CA GLN A 376 12.01 -1.98 12.82
C GLN A 376 13.20 -1.99 13.77
N ASN A 377 13.33 -3.01 14.61
CA ASN A 377 14.54 -3.21 15.41
C ASN A 377 15.55 -4.11 14.72
N HIS A 378 15.21 -4.63 13.55
CA HIS A 378 16.09 -5.58 12.87
C HIS A 378 17.41 -4.89 12.50
N PRO A 379 18.54 -5.60 12.54
CA PRO A 379 19.81 -5.00 12.12
C PRO A 379 19.77 -4.30 10.77
N TRP A 380 19.02 -4.84 9.80
CA TRP A 380 19.00 -4.24 8.47
C TRP A 380 18.23 -2.93 8.41
N MET A 381 17.40 -2.64 9.42
CA MET A 381 16.57 -1.44 9.42
C MET A 381 17.20 -0.28 10.19
N GLN A 382 18.48 -0.38 10.56
CA GLN A 382 19.10 0.67 11.35
C GLN A 382 19.64 1.78 10.46
N ASP A 383 19.59 3.00 11.01
CA ASP A 383 20.12 4.20 10.36
C ASP A 383 19.47 4.42 8.99
N VAL A 384 18.14 4.55 9.01
CA VAL A 384 17.41 4.88 7.80
C VAL A 384 17.67 6.34 7.43
N LEU A 385 17.66 6.61 6.13
CA LEU A 385 17.71 7.99 5.67
C LEU A 385 16.41 8.70 5.99
N LEU A 386 16.51 10.00 6.24
CA LEU A 386 15.32 10.84 6.28
C LEU A 386 14.76 10.97 4.87
N PRO A 387 13.46 11.25 4.73
CA PRO A 387 12.84 11.20 3.38
C PRO A 387 13.46 12.17 2.39
N GLN A 388 13.83 13.38 2.80
CA GLN A 388 14.44 14.32 1.86
C GLN A 388 15.85 13.90 1.50
N GLU A 389 16.61 13.38 2.47
CA GLU A 389 17.89 12.74 2.17
C GLU A 389 17.73 11.71 1.07
N THR A 390 16.67 10.90 1.15
CA THR A 390 16.42 9.87 0.14
C THR A 390 16.22 10.49 -1.24
N ALA A 391 15.55 11.64 -1.30
CA ALA A 391 15.26 12.27 -2.58
C ALA A 391 16.52 12.88 -3.19
N GLU A 392 17.36 13.52 -2.36
CA GLU A 392 18.56 14.16 -2.89
C GLU A 392 19.57 13.14 -3.40
N ILE A 393 19.68 11.99 -2.72
CA ILE A 393 20.64 10.98 -3.14
C ILE A 393 20.09 10.17 -4.31
N HIS A 394 18.85 9.67 -4.17
CA HIS A 394 18.35 8.62 -5.05
C HIS A 394 17.30 9.08 -6.05
N LEU A 395 16.68 10.24 -5.85
CA LEU A 395 15.58 10.68 -6.70
C LEU A 395 15.88 11.94 -7.50
N HIS A 396 17.15 12.36 -7.55
CA HIS A 396 17.57 13.48 -8.41
C HIS A 396 16.82 14.76 -8.04
N SER A 397 16.56 14.95 -6.75
CA SER A 397 15.74 16.06 -6.28
C SER A 397 16.53 17.36 -6.13
#